data_1VRA
#
_entry.id   1VRA
#
_cell.length_a   70.658
_cell.length_b   70.658
_cell.length_c   222.292
_cell.angle_alpha   90.00
_cell.angle_beta   90.00
_cell.angle_gamma   90.00
#
_symmetry.space_group_name_H-M   'P 41 21 2'
#
loop_
_entity.id
_entity.type
_entity.pdbx_description
1 polymer 'Arginine biosynthesis bifunctional protein argJ'
2 polymer 'Arginine biosynthesis bifunctional protein argJ'
3 non-polymer 'SULFATE ION'
4 non-polymer 'UNKNOWN LIGAND'
5 non-polymer 1,2-ETHANEDIOL
6 water water
#
loop_
_entity_poly.entity_id
_entity_poly.type
_entity_poly.pdbx_seq_one_letter_code
_entity_poly.pdbx_strand_id
1 'polypeptide(L)'
;(MSE)GSDKIHHHHHH(MSE)NVINETANVLKLETGSVTSAKGFSAVGIHTGVKRKRKDLGAIVCEVPASSAAVYTLNKV
QAAPLKVTQESIAVEGKLQA(MSE)IVNSGIANACTGKRGLDDAYT(MSE)RAVGAETFHIPEHYVAVTSTGVIGEFLP
(MSE)DVITNGIRQLKPEATIEGAHAFNEAILTTDTVEKHTCYQTIVNGKTVTVGGVAKGSG(MSE)IHPN(MSE)A
;
A
2 'polypeptide(L)'
;T(MSE)LSFVTTDANIDHGHLQGALSAITNETFNRITVDGDTSTND(MSE)VVV(MSE)ASGLAENETLTPEHPDWANFY
KALQLACEDLAKQIARDGEGATKLIEVEVTGAANDQEAG(MSE)VAKQIVGSDLVKTAIYGADANWGRIICAIGYSGCEV
NQETIDIAIGPIVTLKQSEPTGFSEEEATAYLKEADPVKISVNLHIGNGTGKAWGCDLTYDYVRINAGYRT
;
B
#
# COMPACT_ATOMS: atom_id res chain seq x y z
N GLU A 18 9.65 3.14 -20.98
CA GLU A 18 10.00 2.46 -22.27
C GLU A 18 10.01 3.42 -23.46
N THR A 19 8.86 4.01 -23.81
CA THR A 19 8.80 4.96 -24.95
C THR A 19 8.81 6.44 -24.51
N ALA A 20 8.70 6.67 -23.21
CA ALA A 20 8.75 8.00 -22.62
C ALA A 20 9.06 7.86 -21.13
N ASN A 21 9.64 8.89 -20.52
CA ASN A 21 9.99 8.74 -19.12
C ASN A 21 8.75 8.77 -18.24
N VAL A 22 8.93 8.29 -17.02
CA VAL A 22 7.94 8.40 -16.01
C VAL A 22 8.55 9.33 -14.99
N LEU A 23 7.82 10.39 -14.65
CA LEU A 23 8.29 11.44 -13.75
C LEU A 23 7.43 11.49 -12.47
N LYS A 24 8.09 11.60 -11.32
CA LYS A 24 7.42 11.79 -10.03
C LYS A 24 7.04 13.25 -9.79
N LEU A 25 5.79 13.51 -9.41
CA LEU A 25 5.32 14.85 -9.00
C LEU A 25 5.16 14.87 -7.49
N GLU A 26 6.10 15.50 -6.78
CA GLU A 26 6.12 15.38 -5.32
C GLU A 26 4.90 16.01 -4.64
N THR A 27 4.28 17.01 -5.25
CA THR A 27 3.11 17.65 -4.66
C THR A 27 1.77 17.10 -5.22
N GLY A 28 1.82 16.08 -6.05
CA GLY A 28 0.59 15.45 -6.59
C GLY A 28 -0.09 14.48 -5.64
N SER A 29 -1.33 14.11 -6.00
CA SER A 29 -2.08 13.13 -5.24
C SER A 29 -3.20 12.59 -6.12
N VAL A 30 -4.25 12.04 -5.51
CA VAL A 30 -5.35 11.44 -6.26
C VAL A 30 -6.13 12.43 -7.13
N THR A 31 -6.11 13.70 -6.74
CA THR A 31 -6.80 14.74 -7.49
C THR A 31 -6.01 15.31 -8.63
N SER A 32 -4.78 14.82 -8.83
CA SER A 32 -3.95 15.27 -9.95
C SER A 32 -4.37 14.66 -11.28
N ALA A 33 -5.07 13.52 -11.24
CA ALA A 33 -5.60 12.89 -12.45
C ALA A 33 -6.91 13.58 -12.87
N LYS A 34 -7.05 13.80 -14.17
CA LYS A 34 -8.26 14.43 -14.71
C LYS A 34 -9.51 13.65 -14.34
N GLY A 35 -10.50 14.35 -13.80
CA GLY A 35 -11.79 13.77 -13.48
C GLY A 35 -12.10 13.59 -12.00
N PHE A 36 -11.07 13.67 -11.16
CA PHE A 36 -11.20 13.25 -9.77
C PHE A 36 -11.21 14.38 -8.76
N SER A 37 -12.08 14.24 -7.77
CA SER A 37 -12.23 15.17 -6.69
C SER A 37 -12.23 14.38 -5.41
N ALA A 38 -11.93 15.03 -4.30
CA ALA A 38 -11.88 14.34 -3.03
C ALA A 38 -12.16 15.27 -1.87
N VAL A 39 -12.50 14.67 -0.72
CA VAL A 39 -12.77 15.44 0.50
C VAL A 39 -12.70 14.53 1.71
N GLY A 40 -12.48 15.14 2.87
CA GLY A 40 -12.58 14.44 4.15
C GLY A 40 -13.19 15.42 5.13
N ILE A 41 -14.01 14.89 6.05
CA ILE A 41 -14.61 15.72 7.10
C ILE A 41 -14.50 15.02 8.43
N HIS A 42 -14.78 15.79 9.49
CA HIS A 42 -14.73 15.29 10.84
C HIS A 42 -16.15 15.08 11.34
N THR A 43 -16.53 13.81 11.54
CA THR A 43 -17.89 13.49 12.00
C THR A 43 -17.96 13.25 13.50
N GLY A 44 -16.83 13.05 14.15
CA GLY A 44 -16.81 12.87 15.60
C GLY A 44 -16.55 11.44 16.07
N VAL A 45 -16.34 10.50 15.16
CA VAL A 45 -15.93 9.17 15.57
C VAL A 45 -14.51 9.24 16.16
N LYS A 46 -13.64 10.00 15.51
CA LYS A 46 -12.33 10.34 16.08
C LYS A 46 -12.44 11.63 16.90
N ARG A 47 -11.55 11.86 17.85
CA ARG A 47 -11.62 13.09 18.68
C ARG A 47 -11.34 14.37 17.89
N LYS A 48 -10.34 14.34 17.02
CA LYS A 48 -9.90 15.55 16.33
C LYS A 48 -9.78 15.41 14.81
N ARG A 49 -9.16 14.31 14.36
CA ARG A 49 -8.89 14.14 12.94
C ARG A 49 -10.16 13.89 12.14
N LYS A 50 -10.11 14.23 10.86
CA LYS A 50 -11.14 13.87 9.91
C LYS A 50 -11.30 12.34 9.90
N ASP A 51 -12.52 11.87 9.69
CA ASP A 51 -12.85 10.44 9.84
C ASP A 51 -13.88 9.89 8.83
N LEU A 52 -14.24 10.70 7.84
CA LEU A 52 -15.10 10.27 6.75
C LEU A 52 -14.71 11.03 5.48
N GLY A 53 -14.56 10.31 4.37
CA GLY A 53 -14.13 10.94 3.12
C GLY A 53 -14.63 10.23 1.89
N ALA A 54 -14.51 10.89 0.76
CA ALA A 54 -14.80 10.27 -0.52
C ALA A 54 -13.85 10.78 -1.60
N ILE A 55 -13.59 9.92 -2.56
CA ILE A 55 -13.04 10.27 -3.86
C ILE A 55 -14.17 10.01 -4.83
N VAL A 56 -14.37 10.95 -5.74
CA VAL A 56 -15.35 10.77 -6.79
C VAL A 56 -14.76 11.13 -8.14
N CYS A 57 -15.34 10.52 -9.17
CA CYS A 57 -14.94 10.79 -10.54
C CYS A 57 -16.13 11.36 -11.32
N GLU A 58 -15.89 12.37 -12.13
CA GLU A 58 -16.97 12.96 -12.94
C GLU A 58 -17.55 12.07 -14.05
N VAL A 59 -16.82 11.03 -14.42
CA VAL A 59 -17.31 10.02 -15.36
C VAL A 59 -17.14 8.63 -14.78
N PRO A 60 -17.91 7.66 -15.27
CA PRO A 60 -17.67 6.27 -14.84
C PRO A 60 -16.23 5.82 -15.13
N ALA A 61 -15.54 5.33 -14.11
CA ALA A 61 -14.12 5.02 -14.19
C ALA A 61 -13.93 3.52 -14.14
N SER A 62 -13.18 2.96 -15.08
CA SER A 62 -12.78 1.56 -15.01
C SER A 62 -12.08 1.32 -13.69
N SER A 63 -12.47 0.24 -13.01
CA SER A 63 -11.99 0.01 -11.66
C SER A 63 -11.49 -1.40 -11.43
N ALA A 64 -10.47 -1.50 -10.60
CA ALA A 64 -9.87 -2.77 -10.25
C ALA A 64 -9.58 -2.74 -8.76
N ALA A 65 -9.51 -3.91 -8.16
CA ALA A 65 -9.28 -4.00 -6.72
C ALA A 65 -8.63 -5.31 -6.32
N VAL A 66 -7.97 -5.27 -5.17
CA VAL A 66 -7.47 -6.48 -4.51
C VAL A 66 -7.87 -6.35 -3.04
N TYR A 67 -7.94 -7.51 -2.38
CA TYR A 67 -8.55 -7.61 -1.05
C TYR A 67 -7.79 -8.58 -0.18
N THR A 68 -7.77 -8.36 1.12
CA THR A 68 -7.13 -9.30 2.07
C THR A 68 -7.65 -10.73 1.88
N LEU A 69 -6.73 -11.69 1.93
CA LEU A 69 -7.08 -13.10 1.91
C LEU A 69 -7.35 -13.66 3.32
N ASN A 70 -7.29 -12.82 4.35
CA ASN A 70 -7.67 -13.25 5.70
C ASN A 70 -9.08 -13.82 5.62
N LYS A 71 -9.30 -14.99 6.21
CA LYS A 71 -10.63 -15.60 6.19
C LYS A 71 -11.63 -14.87 7.07
N VAL A 72 -11.16 -14.01 7.97
CA VAL A 72 -12.03 -13.09 8.71
C VAL A 72 -11.92 -11.74 7.97
N GLN A 73 -13.01 -11.37 7.30
CA GLN A 73 -13.03 -10.24 6.36
C GLN A 73 -14.16 -9.27 6.73
N ALA A 74 -13.87 -7.99 6.74
CA ALA A 74 -14.90 -6.98 7.03
C ALA A 74 -15.98 -6.93 5.96
N ALA A 75 -17.22 -6.70 6.39
CA ALA A 75 -18.36 -6.52 5.47
C ALA A 75 -18.16 -5.63 4.21
N PRO A 76 -17.59 -4.42 4.36
CA PRO A 76 -17.53 -3.57 3.15
C PRO A 76 -16.70 -4.09 1.97
N LEU A 77 -15.77 -5.01 2.24
CA LEU A 77 -14.98 -5.60 1.18
C LEU A 77 -15.89 -6.34 0.22
N LYS A 78 -16.85 -7.09 0.77
CA LYS A 78 -17.85 -7.80 -0.05
C LYS A 78 -18.70 -6.81 -0.85
N VAL A 79 -19.12 -5.74 -0.20
CA VAL A 79 -20.00 -4.76 -0.84
C VAL A 79 -19.29 -4.10 -2.01
N THR A 80 -18.04 -3.73 -1.79
CA THR A 80 -17.23 -3.15 -2.85
C THR A 80 -17.05 -4.13 -4.03
N GLN A 81 -16.78 -5.40 -3.73
CA GLN A 81 -16.63 -6.41 -4.77
C GLN A 81 -17.91 -6.51 -5.60
N GLU A 82 -19.07 -6.52 -4.94
CA GLU A 82 -20.37 -6.58 -5.61
C GLU A 82 -20.62 -5.36 -6.52
N SER A 83 -20.26 -4.17 -6.07
CA SER A 83 -20.35 -2.99 -6.93
C SER A 83 -19.50 -3.15 -8.19
N ILE A 84 -18.22 -3.44 -8.01
CA ILE A 84 -17.28 -3.54 -9.14
C ILE A 84 -17.67 -4.69 -10.09
N ALA A 85 -18.26 -5.75 -9.57
CA ALA A 85 -18.65 -6.87 -10.39
C ALA A 85 -19.74 -6.54 -11.42
N VAL A 86 -20.56 -5.50 -11.21
CA VAL A 86 -21.65 -5.19 -12.13
C VAL A 86 -21.15 -4.74 -13.50
N GLU A 87 -20.35 -3.66 -13.54
CA GLU A 87 -19.82 -3.13 -14.82
C GLU A 87 -18.29 -2.95 -14.85
N GLY A 88 -17.59 -3.22 -13.76
CA GLY A 88 -16.16 -2.91 -13.69
C GLY A 88 -15.88 -1.42 -13.65
N LYS A 89 -16.84 -0.65 -13.16
CA LYS A 89 -16.78 0.81 -13.16
C LYS A 89 -17.28 1.39 -11.86
N LEU A 90 -16.65 2.49 -11.44
CA LEU A 90 -17.07 3.23 -10.25
C LEU A 90 -17.04 4.73 -10.51
N GLN A 91 -17.85 5.46 -9.74
CA GLN A 91 -17.75 6.91 -9.65
C GLN A 91 -17.48 7.44 -8.24
N ALA A 92 -17.59 6.61 -7.20
CA ALA A 92 -17.32 7.07 -5.84
C ALA A 92 -16.71 5.99 -4.95
N ILE A 94 -16.11 5.72 -0.87
CA ILE A 94 -16.44 6.34 0.40
C ILE A 94 -15.80 5.54 1.51
N VAL A 95 -15.12 6.22 2.42
CA VAL A 95 -14.35 5.58 3.48
C VAL A 95 -14.55 6.25 4.82
N ASN A 96 -14.78 5.46 5.86
CA ASN A 96 -14.77 5.96 7.23
C ASN A 96 -13.62 5.33 7.99
N SER A 97 -13.09 6.06 8.98
CA SER A 97 -12.03 5.51 9.80
C SER A 97 -12.36 5.68 11.28
N GLY A 98 -11.75 4.83 12.09
CA GLY A 98 -12.07 4.73 13.51
C GLY A 98 -12.73 3.41 13.87
N ILE A 99 -13.54 2.89 12.95
CA ILE A 99 -14.32 1.67 13.18
C ILE A 99 -14.22 0.83 11.91
N ALA A 100 -13.76 -0.42 12.04
CA ALA A 100 -13.49 -1.29 10.89
C ALA A 100 -14.73 -1.90 10.20
N ASN A 101 -15.86 -1.87 10.88
CA ASN A 101 -17.05 -2.66 10.53
C ASN A 101 -16.66 -4.10 10.20
N ALA A 102 -15.87 -4.68 11.11
CA ALA A 102 -15.37 -6.07 11.00
C ALA A 102 -15.87 -6.87 12.17
N CYS A 103 -16.18 -8.14 11.92
CA CYS A 103 -16.78 -9.04 12.90
C CYS A 103 -18.08 -8.46 13.46
N THR A 104 -18.87 -7.85 12.56
CA THR A 104 -20.13 -7.21 12.90
C THR A 104 -21.33 -7.95 12.28
N GLY A 105 -21.07 -9.11 11.68
CA GLY A 105 -22.11 -10.00 11.20
C GLY A 105 -23.07 -9.39 10.20
N LYS A 106 -24.32 -9.84 10.25
CA LYS A 106 -25.36 -9.40 9.34
C LYS A 106 -25.64 -7.90 9.48
N ARG A 107 -25.67 -7.43 10.71
CA ARG A 107 -25.86 -6.02 10.96
C ARG A 107 -24.77 -5.16 10.29
N GLY A 108 -23.52 -5.59 10.41
CA GLY A 108 -22.43 -4.89 9.74
C GLY A 108 -22.54 -4.86 8.22
N LEU A 109 -23.00 -5.97 7.64
CA LEU A 109 -23.21 -6.04 6.20
C LEU A 109 -24.34 -5.09 5.80
N ASP A 110 -25.46 -5.13 6.55
CA ASP A 110 -26.56 -4.19 6.31
C ASP A 110 -26.05 -2.74 6.34
N ASP A 111 -25.22 -2.43 7.34
CA ASP A 111 -24.64 -1.12 7.48
C ASP A 111 -23.77 -0.71 6.28
N ALA A 112 -22.95 -1.62 5.76
CA ALA A 112 -22.18 -1.32 4.56
C ALA A 112 -23.08 -1.05 3.32
N TYR A 113 -24.14 -1.84 3.14
CA TYR A 113 -25.09 -1.58 2.06
C TYR A 113 -25.76 -0.21 2.25
N THR A 114 -26.08 0.13 3.50
CA THR A 114 -26.69 1.42 3.76
C THR A 114 -25.74 2.58 3.41
N ARG A 116 -23.44 2.51 1.13
CA ARG A 116 -23.40 2.54 -0.33
C ARG A 116 -24.64 3.25 -0.89
N ALA A 117 -25.83 2.92 -0.36
CA ALA A 117 -27.05 3.55 -0.81
C ALA A 117 -27.07 5.05 -0.52
N VAL A 118 -26.59 5.45 0.63
CA VAL A 118 -26.64 6.86 1.01
C VAL A 118 -25.63 7.63 0.18
N GLY A 119 -24.50 6.98 -0.13
CA GLY A 119 -23.50 7.59 -1.00
C GLY A 119 -24.02 7.79 -2.41
N ALA A 120 -24.74 6.81 -2.93
CA ALA A 120 -25.34 6.91 -4.25
C ALA A 120 -26.37 8.07 -4.29
N GLU A 121 -27.17 8.21 -3.26
CA GLU A 121 -28.11 9.33 -3.18
C GLU A 121 -27.35 10.66 -3.18
N THR A 122 -26.31 10.73 -2.38
CA THR A 122 -25.58 11.97 -2.19
C THR A 122 -24.92 12.44 -3.49
N PHE A 123 -24.31 11.50 -4.22
CA PHE A 123 -23.60 11.82 -5.44
C PHE A 123 -24.42 11.64 -6.71
N HIS A 124 -25.69 11.24 -6.53
CA HIS A 124 -26.65 11.04 -7.62
C HIS A 124 -26.06 10.15 -8.73
N ILE A 125 -25.69 8.94 -8.33
CA ILE A 125 -25.12 7.94 -9.22
C ILE A 125 -25.68 6.58 -8.83
N PRO A 126 -25.56 5.58 -9.72
CA PRO A 126 -26.00 4.23 -9.38
C PRO A 126 -25.28 3.63 -8.17
N GLU A 127 -26.00 2.82 -7.39
CA GLU A 127 -25.41 2.17 -6.24
C GLU A 127 -24.18 1.36 -6.63
N HIS A 128 -24.21 0.70 -7.78
CA HIS A 128 -23.10 -0.12 -8.20
C HIS A 128 -21.88 0.70 -8.67
N TYR A 129 -22.00 2.02 -8.76
CA TYR A 129 -20.84 2.89 -8.97
C TYR A 129 -20.23 3.43 -7.69
N VAL A 130 -20.72 2.95 -6.54
CA VAL A 130 -20.23 3.38 -5.24
C VAL A 130 -19.57 2.20 -4.53
N ALA A 131 -18.30 2.39 -4.16
CA ALA A 131 -17.59 1.45 -3.32
C ALA A 131 -17.49 2.06 -1.92
N VAL A 132 -17.42 1.19 -0.92
CA VAL A 132 -17.34 1.68 0.46
C VAL A 132 -16.34 0.83 1.21
N THR A 133 -15.62 1.46 2.12
CA THR A 133 -14.87 0.72 3.09
C THR A 133 -14.64 1.46 4.40
N SER A 134 -14.02 0.71 5.33
CA SER A 134 -13.85 1.10 6.71
C SER A 134 -12.50 0.61 7.20
N THR A 135 -11.99 1.29 8.22
CA THR A 135 -10.78 0.86 8.90
C THR A 135 -10.80 1.40 10.34
N GLY A 136 -10.38 0.57 11.28
CA GLY A 136 -10.25 0.97 12.68
C GLY A 136 -10.59 -0.16 13.61
N VAL A 137 -11.32 0.13 14.68
CA VAL A 137 -11.61 -0.87 15.71
C VAL A 137 -12.50 -2.02 15.22
N ILE A 138 -12.07 -3.25 15.50
CA ILE A 138 -12.80 -4.48 15.16
C ILE A 138 -13.93 -4.76 16.16
N GLY A 139 -15.08 -5.19 15.67
CA GLY A 139 -16.16 -5.62 16.54
C GLY A 139 -17.14 -4.54 16.94
N GLU A 140 -16.74 -3.28 16.85
CA GLU A 140 -17.62 -2.17 17.15
C GLU A 140 -18.56 -1.90 15.94
N PHE A 141 -19.82 -1.63 16.25
CA PHE A 141 -20.80 -1.28 15.22
C PHE A 141 -20.65 0.19 14.85
N LEU A 142 -20.92 0.50 13.58
CA LEU A 142 -20.87 1.87 13.10
C LEU A 142 -22.01 2.67 13.73
N PRO A 143 -21.76 3.95 14.09
CA PRO A 143 -22.83 4.87 14.52
C PRO A 143 -23.54 5.46 13.29
N ASP A 145 -26.39 6.96 12.36
CA ASP A 145 -26.90 8.33 12.24
C ASP A 145 -25.76 9.30 11.93
N VAL A 146 -24.65 9.15 12.65
CA VAL A 146 -23.48 9.98 12.44
C VAL A 146 -22.88 9.78 11.04
N ILE A 147 -22.70 8.51 10.66
CA ILE A 147 -22.08 8.21 9.37
C ILE A 147 -22.98 8.67 8.21
N THR A 148 -24.26 8.34 8.27
CA THR A 148 -25.14 8.66 7.15
C THR A 148 -25.33 10.17 6.98
N ASN A 149 -25.47 10.90 8.09
CA ASN A 149 -25.56 12.38 8.05
C ASN A 149 -24.25 12.94 7.47
N GLY A 150 -23.14 12.37 7.89
CA GLY A 150 -21.83 12.76 7.39
C GLY A 150 -21.66 12.56 5.89
N ILE A 151 -22.09 11.39 5.38
CA ILE A 151 -21.98 11.12 3.96
C ILE A 151 -22.70 12.20 3.13
N ARG A 152 -23.91 12.57 3.57
CA ARG A 152 -24.73 13.56 2.88
C ARG A 152 -24.08 14.97 2.84
N GLN A 153 -23.13 15.22 3.73
N GLN A 153 -23.13 15.21 3.73
CA GLN A 153 -22.43 16.51 3.79
CA GLN A 153 -22.41 16.49 3.83
C GLN A 153 -21.17 16.55 2.92
C GLN A 153 -21.09 16.50 3.05
N LEU A 154 -20.76 15.41 2.36
CA LEU A 154 -19.50 15.33 1.62
C LEU A 154 -19.55 16.17 0.34
N LYS A 155 -18.57 17.05 0.19
CA LYS A 155 -18.44 17.96 -0.95
C LYS A 155 -17.05 17.82 -1.56
N PRO A 156 -16.86 16.82 -2.44
CA PRO A 156 -15.53 16.63 -3.04
C PRO A 156 -15.05 17.83 -3.85
N GLU A 157 -13.75 18.10 -3.79
CA GLU A 157 -13.16 19.18 -4.59
C GLU A 157 -11.94 18.67 -5.34
N ALA A 158 -11.74 19.21 -6.53
CA ALA A 158 -10.63 18.80 -7.39
C ALA A 158 -9.40 19.62 -7.05
N THR A 159 -8.92 19.45 -5.83
CA THR A 159 -7.82 20.25 -5.30
C THR A 159 -6.90 19.39 -4.51
N ILE A 160 -5.67 19.83 -4.35
CA ILE A 160 -4.73 19.11 -3.51
C ILE A 160 -5.19 19.07 -2.04
N GLU A 161 -5.84 20.13 -1.59
CA GLU A 161 -6.40 20.20 -0.25
C GLU A 161 -7.48 19.13 -0.05
N GLY A 162 -8.32 18.94 -1.04
CA GLY A 162 -9.27 17.83 -1.05
C GLY A 162 -8.64 16.45 -0.89
N ALA A 163 -7.56 16.21 -1.61
CA ALA A 163 -6.84 14.95 -1.51
C ALA A 163 -6.27 14.73 -0.12
N HIS A 164 -5.72 15.79 0.46
CA HIS A 164 -5.12 15.68 1.79
C HIS A 164 -6.18 15.48 2.86
N ALA A 165 -7.30 16.18 2.74
CA ALA A 165 -8.43 15.96 3.65
C ALA A 165 -8.96 14.52 3.59
N PHE A 166 -9.11 13.98 2.38
CA PHE A 166 -9.45 12.55 2.19
C PHE A 166 -8.44 11.62 2.84
N ASN A 167 -7.15 11.86 2.62
CA ASN A 167 -6.13 10.98 3.19
C ASN A 167 -6.21 11.03 4.72
N GLU A 168 -6.43 12.21 5.30
CA GLU A 168 -6.56 12.28 6.74
C GLU A 168 -7.73 11.44 7.21
N ALA A 169 -8.83 11.51 6.47
CA ALA A 169 -10.07 10.81 6.78
C ALA A 169 -9.98 9.29 6.71
N ILE A 170 -8.93 8.73 6.10
CA ILE A 170 -8.74 7.27 6.09
C ILE A 170 -7.69 6.76 7.10
N LEU A 171 -6.99 7.65 7.80
CA LEU A 171 -5.95 7.23 8.72
C LEU A 171 -6.55 6.58 9.96
N THR A 172 -5.77 5.69 10.58
CA THR A 172 -6.06 5.28 11.95
C THR A 172 -4.90 5.69 12.83
N THR A 173 -3.98 4.78 13.09
CA THR A 173 -2.85 5.05 13.96
C THR A 173 -1.68 5.77 13.24
N ASP A 174 -1.81 5.97 11.93
CA ASP A 174 -0.81 6.64 11.11
C ASP A 174 -0.33 7.95 11.73
N THR A 175 0.96 8.26 11.58
CA THR A 175 1.46 9.56 12.02
C THR A 175 1.49 10.54 10.87
N VAL A 176 1.48 10.03 9.62
CA VAL A 176 1.52 10.90 8.44
C VAL A 176 0.63 10.39 7.32
N GLU A 177 0.20 11.32 6.47
CA GLU A 177 -0.43 11.01 5.20
C GLU A 177 0.58 10.37 4.25
N LYS A 178 0.07 9.75 3.20
CA LYS A 178 0.91 9.00 2.30
C LYS A 178 0.35 9.22 0.88
N HIS A 179 1.03 10.05 0.12
CA HIS A 179 0.62 10.48 -1.22
C HIS A 179 1.62 10.05 -2.25
N THR A 180 1.16 9.89 -3.49
CA THR A 180 2.08 9.64 -4.59
C THR A 180 1.49 10.21 -5.85
N CYS A 181 2.35 10.48 -6.82
CA CYS A 181 1.88 10.90 -8.14
C CYS A 181 3.01 10.74 -9.15
N TYR A 182 2.70 10.03 -10.24
CA TYR A 182 3.64 9.87 -11.35
C TYR A 182 2.93 10.25 -12.65
N GLN A 183 3.67 10.77 -13.61
CA GLN A 183 3.14 11.15 -14.91
C GLN A 183 3.99 10.55 -16.01
N THR A 184 3.33 10.26 -17.12
CA THR A 184 4.00 9.74 -18.30
C THR A 184 3.21 10.16 -19.55
N ILE A 185 3.60 9.64 -20.70
CA ILE A 185 2.97 9.99 -21.96
C ILE A 185 2.43 8.71 -22.60
N VAL A 186 1.18 8.77 -23.04
CA VAL A 186 0.58 7.69 -23.80
C VAL A 186 -0.12 8.31 -25.01
N ASN A 187 0.25 7.86 -26.21
CA ASN A 187 -0.25 8.41 -27.47
C ASN A 187 -0.11 9.94 -27.51
N GLY A 188 1.01 10.43 -26.97
CA GLY A 188 1.27 11.87 -26.92
C GLY A 188 0.45 12.62 -25.88
N LYS A 189 -0.38 11.91 -25.10
CA LYS A 189 -1.22 12.52 -24.08
C LYS A 189 -0.54 12.37 -22.71
N THR A 190 -0.63 13.39 -21.86
CA THR A 190 -0.11 13.30 -20.51
C THR A 190 -1.05 12.45 -19.67
N VAL A 191 -0.52 11.35 -19.16
CA VAL A 191 -1.25 10.42 -18.30
C VAL A 191 -0.70 10.53 -16.88
N THR A 192 -1.60 10.70 -15.92
CA THR A 192 -1.21 10.88 -14.52
C THR A 192 -1.78 9.73 -13.68
N VAL A 193 -0.95 9.21 -12.77
CA VAL A 193 -1.36 8.23 -11.78
C VAL A 193 -1.11 8.87 -10.41
N GLY A 194 -2.16 9.07 -9.64
CA GLY A 194 -2.02 9.58 -8.29
C GLY A 194 -2.55 8.60 -7.27
N GLY A 195 -2.14 8.76 -6.03
CA GLY A 195 -2.61 7.85 -5.01
C GLY A 195 -2.45 8.33 -3.59
N VAL A 196 -3.25 7.72 -2.72
CA VAL A 196 -3.13 7.87 -1.27
C VAL A 196 -3.15 6.50 -0.62
N ALA A 197 -2.60 6.44 0.57
CA ALA A 197 -2.63 5.22 1.37
C ALA A 197 -2.68 5.52 2.85
N LYS A 198 -3.02 4.47 3.61
CA LYS A 198 -2.88 4.46 5.04
C LYS A 198 -2.42 3.10 5.49
N GLY A 199 -1.84 3.09 6.69
CA GLY A 199 -1.48 1.84 7.37
C GLY A 199 -0.24 2.05 8.23
N SER A 200 -0.28 1.52 9.44
CA SER A 200 0.81 1.67 10.37
C SER A 200 0.97 0.44 11.27
N GLY A 201 -0.14 -0.14 11.72
CA GLY A 201 -0.12 -1.40 12.47
C GLY A 201 -1.04 -2.42 11.84
N ILE A 203 -0.02 -4.76 9.81
CA ILE A 203 0.42 -4.67 8.42
C ILE A 203 1.26 -5.90 8.04
N HIS A 204 0.65 -6.75 7.23
CA HIS A 204 1.33 -7.86 6.55
C HIS A 204 0.41 -8.27 5.40
N PRO A 205 0.33 -7.42 4.35
CA PRO A 205 -0.70 -7.65 3.35
C PRO A 205 -0.50 -8.95 2.59
N ASN A 206 -1.64 -9.57 2.30
CA ASN A 206 -1.72 -10.76 1.52
C ASN A 206 -3.02 -10.65 0.72
N ALA A 208 -5.41 -10.29 -2.94
CA ALA A 208 -5.63 -10.73 -4.32
C ALA A 208 -6.99 -10.28 -4.82
N THR B 1 -4.27 -2.34 9.55
CA THR B 1 -4.87 -2.36 8.22
C THR B 1 -4.22 -1.33 7.32
N LEU B 3 -4.86 0.57 3.49
CA LEU B 3 -5.72 0.85 2.35
C LEU B 3 -4.92 1.66 1.34
N SER B 4 -5.22 1.54 0.07
CA SER B 4 -4.68 2.45 -0.95
C SER B 4 -5.71 2.67 -2.01
N PHE B 5 -5.80 3.93 -2.45
CA PHE B 5 -6.72 4.40 -3.49
C PHE B 5 -5.89 5.10 -4.54
N VAL B 6 -5.92 4.55 -5.76
CA VAL B 6 -5.10 5.06 -6.85
C VAL B 6 -6.04 5.50 -7.97
N THR B 7 -5.75 6.65 -8.54
CA THR B 7 -6.55 7.22 -9.60
C THR B 7 -5.66 7.51 -10.78
N THR B 8 -6.23 7.37 -11.99
CA THR B 8 -5.52 7.74 -13.18
C THR B 8 -6.51 8.24 -14.22
N ASP B 9 -6.01 9.08 -15.12
CA ASP B 9 -6.80 9.53 -16.27
C ASP B 9 -6.53 8.70 -17.53
N ALA B 10 -5.73 7.65 -17.40
CA ALA B 10 -5.53 6.70 -18.49
C ALA B 10 -6.86 6.11 -18.97
N ASN B 11 -6.99 5.96 -20.29
CA ASN B 11 -8.03 5.13 -20.87
C ASN B 11 -7.57 3.66 -20.90
N ILE B 12 -8.29 2.84 -20.17
CA ILE B 12 -7.95 1.42 -19.98
C ILE B 12 -9.21 0.73 -19.47
N ASP B 13 -9.52 -0.47 -19.99
CA ASP B 13 -10.69 -1.19 -19.51
C ASP B 13 -10.40 -1.93 -18.20
N HIS B 14 -11.45 -2.37 -17.55
CA HIS B 14 -11.33 -2.94 -16.22
C HIS B 14 -10.51 -4.25 -16.20
N GLY B 15 -10.63 -5.08 -17.24
CA GLY B 15 -9.88 -6.33 -17.33
C GLY B 15 -8.37 -6.12 -17.37
N HIS B 16 -7.93 -5.18 -18.19
CA HIS B 16 -6.49 -4.94 -18.30
C HIS B 16 -5.96 -4.17 -17.10
N LEU B 17 -6.80 -3.30 -16.54
CA LEU B 17 -6.44 -2.61 -15.31
C LEU B 17 -6.29 -3.61 -14.17
N GLN B 18 -7.22 -4.56 -14.06
CA GLN B 18 -7.16 -5.57 -13.02
C GLN B 18 -5.92 -6.46 -13.16
N GLY B 19 -5.57 -6.84 -14.38
CA GLY B 19 -4.40 -7.66 -14.62
C GLY B 19 -3.13 -6.97 -14.15
N ALA B 20 -3.03 -5.68 -14.45
CA ALA B 20 -1.91 -4.85 -13.99
C ALA B 20 -1.86 -4.74 -12.47
N LEU B 21 -2.99 -4.42 -11.86
CA LEU B 21 -3.02 -4.26 -10.41
C LEU B 21 -2.64 -5.53 -9.69
N SER B 22 -3.21 -6.66 -10.13
CA SER B 22 -2.91 -7.95 -9.49
C SER B 22 -1.40 -8.25 -9.53
N ALA B 23 -0.77 -8.07 -10.69
CA ALA B 23 0.67 -8.29 -10.84
C ALA B 23 1.49 -7.32 -10.00
N ILE B 24 1.11 -6.05 -10.02
CA ILE B 24 1.84 -5.03 -9.29
C ILE B 24 1.72 -5.23 -7.77
N THR B 25 0.55 -5.64 -7.32
CA THR B 25 0.32 -5.89 -5.90
C THR B 25 1.32 -6.92 -5.38
N ASN B 26 1.60 -7.94 -6.18
CA ASN B 26 2.50 -9.02 -5.77
C ASN B 26 3.92 -8.56 -5.60
N GLU B 27 4.28 -7.46 -6.24
CA GLU B 27 5.62 -6.93 -6.08
C GLU B 27 5.73 -5.67 -5.23
N THR B 28 4.63 -5.21 -4.65
CA THR B 28 4.64 -3.97 -3.89
C THR B 28 4.00 -4.21 -2.54
N PHE B 29 2.69 -4.05 -2.46
CA PHE B 29 1.99 -4.19 -1.18
C PHE B 29 2.17 -5.57 -0.53
N ASN B 30 2.17 -6.64 -1.32
CA ASN B 30 2.35 -7.98 -0.74
C ASN B 30 3.79 -8.27 -0.37
N ARG B 31 4.68 -7.29 -0.51
CA ARG B 31 6.07 -7.44 -0.15
C ARG B 31 6.44 -6.55 1.04
N ILE B 32 5.45 -6.02 1.76
CA ILE B 32 5.72 -5.24 2.98
C ILE B 32 5.22 -5.98 4.22
N THR B 33 5.85 -5.68 5.34
CA THR B 33 5.40 -6.15 6.64
C THR B 33 5.91 -5.23 7.72
N VAL B 34 5.02 -4.84 8.64
CA VAL B 34 5.40 -4.13 9.84
C VAL B 34 5.49 -5.14 10.97
N ASP B 35 4.36 -5.75 11.34
CA ASP B 35 4.31 -6.60 12.53
C ASP B 35 3.86 -8.03 12.27
N GLY B 36 3.63 -8.38 10.99
CA GLY B 36 3.30 -9.77 10.64
C GLY B 36 1.83 -10.11 10.78
N ASP B 37 1.01 -9.18 11.24
CA ASP B 37 -0.44 -9.43 11.40
C ASP B 37 -1.22 -8.95 10.18
N THR B 38 -1.68 -9.92 9.39
CA THR B 38 -2.50 -9.68 8.21
C THR B 38 -3.94 -9.30 8.56
N SER B 39 -4.36 -8.10 8.16
CA SER B 39 -5.60 -7.52 8.66
C SER B 39 -6.84 -8.11 8.00
N THR B 40 -7.96 -7.85 8.65
CA THR B 40 -9.30 -8.20 8.19
C THR B 40 -9.86 -7.25 7.13
N ASN B 41 -9.18 -6.13 6.89
CA ASN B 41 -9.72 -5.03 6.07
C ASN B 41 -8.85 -4.56 4.90
N ASP B 42 -7.66 -5.15 4.67
CA ASP B 42 -6.75 -4.58 3.66
C ASP B 42 -7.43 -4.60 2.28
N VAL B 44 -7.07 -2.44 -1.88
CA VAL B 44 -6.58 -1.44 -2.81
C VAL B 44 -7.58 -1.32 -3.94
N VAL B 45 -7.96 -0.09 -4.29
CA VAL B 45 -8.83 0.16 -5.43
C VAL B 45 -8.14 1.16 -6.38
N VAL B 46 -8.17 0.87 -7.68
CA VAL B 46 -7.65 1.75 -8.73
C VAL B 46 -8.81 2.15 -9.63
N ALA B 48 -9.77 4.42 -13.20
CA ALA B 48 -9.23 5.05 -14.41
C ALA B 48 -10.33 5.79 -15.16
N SER B 49 -10.21 7.12 -15.27
CA SER B 49 -11.26 7.97 -15.87
C SER B 49 -11.25 8.01 -17.38
N GLY B 50 -10.12 7.72 -18.00
CA GLY B 50 -10.01 7.79 -19.45
C GLY B 50 -9.91 9.20 -20.04
N LEU B 51 -9.84 10.21 -19.18
CA LEU B 51 -9.92 11.60 -19.64
C LEU B 51 -8.66 12.16 -20.24
N ALA B 52 -7.56 11.42 -20.16
CA ALA B 52 -6.37 11.73 -20.94
C ALA B 52 -6.62 11.49 -22.44
N GLU B 53 -7.58 10.63 -22.76
CA GLU B 53 -8.05 10.34 -24.11
C GLU B 53 -7.00 9.65 -24.99
N ASN B 54 -6.13 8.87 -24.35
CA ASN B 54 -5.27 7.95 -25.06
C ASN B 54 -6.08 6.79 -25.68
N GLU B 55 -5.50 6.13 -26.67
CA GLU B 55 -6.08 4.88 -27.21
C GLU B 55 -6.00 3.83 -26.10
N THR B 56 -7.06 3.04 -25.93
CA THR B 56 -7.20 2.19 -24.74
C THR B 56 -5.98 1.29 -24.55
N LEU B 57 -5.51 1.23 -23.30
CA LEU B 57 -4.26 0.54 -22.98
C LEU B 57 -4.44 -0.95 -22.81
N THR B 58 -3.56 -1.70 -23.45
CA THR B 58 -3.40 -3.15 -23.25
C THR B 58 -1.92 -3.45 -23.39
N PRO B 59 -1.47 -4.63 -22.94
CA PRO B 59 -0.08 -5.04 -23.13
C PRO B 59 0.46 -4.98 -24.56
N GLU B 60 -0.43 -4.91 -25.55
CA GLU B 60 -0.02 -4.80 -26.94
C GLU B 60 0.17 -3.34 -27.39
N HIS B 61 -0.24 -2.37 -26.56
CA HIS B 61 -0.10 -0.95 -26.87
C HIS B 61 1.38 -0.56 -26.80
N PRO B 62 1.87 0.23 -27.78
CA PRO B 62 3.28 0.62 -27.79
C PRO B 62 3.78 1.35 -26.54
N ASP B 63 2.88 2.03 -25.82
CA ASP B 63 3.23 2.79 -24.61
C ASP B 63 2.77 2.13 -23.31
N TRP B 64 2.42 0.85 -23.38
CA TRP B 64 1.99 0.08 -22.21
C TRP B 64 3.00 0.15 -21.09
N ALA B 65 4.28 0.01 -21.42
CA ALA B 65 5.31 -0.03 -20.38
C ALA B 65 5.40 1.29 -19.63
N ASN B 66 5.08 2.41 -20.29
CA ASN B 66 5.02 3.72 -19.63
C ASN B 66 3.93 3.74 -18.58
N PHE B 67 2.72 3.35 -18.97
CA PHE B 67 1.61 3.30 -18.03
C PHE B 67 1.90 2.32 -16.90
N TYR B 68 2.37 1.13 -17.26
CA TYR B 68 2.62 0.08 -16.29
C TYR B 68 3.63 0.53 -15.25
N LYS B 69 4.72 1.15 -15.71
CA LYS B 69 5.75 1.69 -14.81
C LYS B 69 5.22 2.77 -13.87
N ALA B 70 4.43 3.70 -14.40
CA ALA B 70 3.80 4.72 -13.57
C ALA B 70 2.95 4.08 -12.47
N LEU B 71 2.13 3.09 -12.82
CA LEU B 71 1.27 2.43 -11.83
C LEU B 71 2.08 1.66 -10.79
N GLN B 72 3.09 0.95 -11.27
CA GLN B 72 3.97 0.19 -10.41
C GLN B 72 4.75 1.09 -9.42
N LEU B 73 5.30 2.18 -9.93
CA LEU B 73 6.03 3.13 -9.09
C LEU B 73 5.11 3.81 -8.06
N ALA B 74 3.90 4.13 -8.47
CA ALA B 74 2.93 4.70 -7.54
C ALA B 74 2.64 3.71 -6.40
N CYS B 75 2.39 2.45 -6.73
CA CYS B 75 2.12 1.43 -5.70
C CYS B 75 3.35 1.16 -4.84
N GLU B 76 4.51 1.10 -5.47
CA GLU B 76 5.74 0.90 -4.72
C GLU B 76 5.98 2.04 -3.71
N ASP B 77 5.76 3.27 -4.16
CA ASP B 77 5.97 4.47 -3.34
C ASP B 77 5.03 4.44 -2.13
N LEU B 78 3.76 4.11 -2.36
CA LEU B 78 2.80 4.02 -1.27
C LEU B 78 3.14 2.87 -0.31
N ALA B 79 3.53 1.73 -0.85
CA ALA B 79 3.93 0.56 -0.02
C ALA B 79 5.09 0.90 0.88
N LYS B 80 6.07 1.59 0.33
CA LYS B 80 7.24 2.01 1.12
C LYS B 80 6.86 3.00 2.20
N GLN B 81 5.95 3.90 1.90
CA GLN B 81 5.47 4.86 2.90
C GLN B 81 4.69 4.22 4.03
N ILE B 82 3.93 3.16 3.74
CA ILE B 82 3.27 2.39 4.77
C ILE B 82 4.31 1.73 5.69
N ALA B 83 5.26 1.01 5.11
CA ALA B 83 6.30 0.35 5.86
C ALA B 83 7.08 1.35 6.74
N ARG B 84 7.47 2.49 6.16
CA ARG B 84 8.14 3.53 6.93
C ARG B 84 7.32 4.08 8.09
N ASP B 85 6.00 4.12 7.94
CA ASP B 85 5.16 4.57 9.03
C ASP B 85 4.69 3.45 9.97
N GLY B 86 5.37 2.31 9.96
CA GLY B 86 5.09 1.25 10.90
C GLY B 86 5.09 1.83 12.30
N GLU B 87 4.19 1.33 13.15
CA GLU B 87 4.03 1.87 14.48
C GLU B 87 5.36 1.90 15.20
N GLY B 88 5.77 3.09 15.64
CA GLY B 88 7.01 3.25 16.37
C GLY B 88 8.30 3.28 15.55
N ALA B 89 8.23 3.11 14.22
CA ALA B 89 9.41 2.95 13.39
C ALA B 89 10.29 4.20 13.40
N THR B 90 11.60 4.00 13.33
CA THR B 90 12.50 5.09 13.03
C THR B 90 13.15 4.94 11.65
N LYS B 91 13.06 3.75 11.05
CA LYS B 91 13.73 3.46 9.79
C LYS B 91 12.83 2.60 8.90
N LEU B 92 12.82 2.90 7.61
CA LEU B 92 12.45 1.93 6.57
C LEU B 92 13.64 0.98 6.35
N ILE B 93 13.33 -0.31 6.22
CA ILE B 93 14.32 -1.31 5.86
C ILE B 93 13.93 -1.90 4.50
N GLU B 94 14.86 -1.90 3.59
CA GLU B 94 14.70 -2.50 2.29
C GLU B 94 15.63 -3.70 2.20
N VAL B 95 15.08 -4.87 1.88
CA VAL B 95 15.88 -6.08 1.70
C VAL B 95 15.82 -6.48 0.24
N GLU B 96 16.98 -6.66 -0.38
CA GLU B 96 17.06 -7.19 -1.74
C GLU B 96 17.80 -8.50 -1.76
N VAL B 97 17.15 -9.52 -2.31
CA VAL B 97 17.71 -10.85 -2.45
C VAL B 97 17.95 -11.10 -3.92
N THR B 98 19.17 -11.54 -4.25
CA THR B 98 19.52 -11.97 -5.58
C THR B 98 20.04 -13.40 -5.52
N GLY B 99 20.15 -14.04 -6.67
CA GLY B 99 20.69 -15.37 -6.73
C GLY B 99 19.81 -16.43 -6.13
N ALA B 100 18.50 -16.18 -6.02
CA ALA B 100 17.57 -17.21 -5.54
C ALA B 100 17.19 -18.16 -6.67
N ALA B 101 16.56 -19.28 -6.32
CA ALA B 101 16.07 -20.25 -7.32
C ALA B 101 15.11 -19.59 -8.32
N ASN B 102 14.31 -18.65 -7.85
CA ASN B 102 13.43 -17.88 -8.74
C ASN B 102 13.00 -16.62 -8.02
N ASP B 103 12.32 -15.73 -8.73
CA ASP B 103 11.90 -14.44 -8.19
C ASP B 103 10.96 -14.59 -6.99
N GLN B 104 10.07 -15.59 -7.04
CA GLN B 104 9.15 -15.82 -5.94
C GLN B 104 9.89 -16.15 -4.66
N GLU B 105 10.83 -17.09 -4.74
CA GLU B 105 11.67 -17.41 -3.58
C GLU B 105 12.54 -16.25 -3.11
N ALA B 106 13.08 -15.44 -4.01
CA ALA B 106 13.82 -14.23 -3.58
C ALA B 106 12.93 -13.32 -2.73
N GLY B 107 11.71 -13.10 -3.19
CA GLY B 107 10.74 -12.32 -2.46
C GLY B 107 10.43 -12.90 -1.08
N VAL B 109 12.28 -14.91 0.76
CA VAL B 109 13.47 -14.75 1.60
C VAL B 109 13.60 -13.29 2.09
N ALA B 110 13.42 -12.34 1.19
CA ALA B 110 13.51 -10.92 1.52
C ALA B 110 12.51 -10.56 2.61
N LYS B 111 11.28 -11.07 2.49
CA LYS B 111 10.24 -10.74 3.44
C LYS B 111 10.50 -11.43 4.77
N GLN B 112 11.03 -12.66 4.74
CA GLN B 112 11.35 -13.36 5.98
C GLN B 112 12.38 -12.58 6.78
N ILE B 113 13.36 -12.01 6.08
CA ILE B 113 14.36 -11.19 6.75
C ILE B 113 13.75 -9.91 7.35
N VAL B 114 12.98 -9.17 6.57
CA VAL B 114 12.43 -7.90 7.09
C VAL B 114 11.36 -8.07 8.13
N GLY B 115 10.79 -9.28 8.20
CA GLY B 115 9.76 -9.61 9.19
C GLY B 115 10.30 -10.23 10.47
N SER B 116 11.61 -10.45 10.54
CA SER B 116 12.21 -11.12 11.71
C SER B 116 12.30 -10.11 12.84
N ASP B 117 11.75 -10.44 14.00
CA ASP B 117 11.84 -9.52 15.14
C ASP B 117 13.27 -9.31 15.61
N LEU B 118 14.12 -10.31 15.43
CA LEU B 118 15.51 -10.15 15.80
C LEU B 118 16.23 -9.22 14.80
N VAL B 119 15.94 -9.35 13.51
CA VAL B 119 16.48 -8.39 12.53
C VAL B 119 15.96 -6.99 12.82
N LYS B 120 14.67 -6.87 13.06
CA LYS B 120 14.03 -5.55 13.24
C LYS B 120 14.57 -4.80 14.47
N THR B 121 14.87 -5.53 15.55
CA THR B 121 15.43 -4.93 16.76
C THR B 121 16.92 -4.62 16.60
N ALA B 122 17.65 -5.49 15.90
CA ALA B 122 19.07 -5.21 15.60
C ALA B 122 19.17 -3.87 14.86
N ILE B 123 18.30 -3.63 13.88
CA ILE B 123 18.37 -2.39 13.11
C ILE B 123 18.07 -1.19 14.01
N TYR B 124 17.07 -1.30 14.87
CA TYR B 124 16.84 -0.26 15.86
C TYR B 124 18.08 0.04 16.70
N GLY B 125 18.80 -1.01 17.11
CA GLY B 125 20.00 -0.84 17.90
C GLY B 125 21.23 -0.48 17.08
N ALA B 126 21.07 -0.30 15.76
CA ALA B 126 22.18 -0.02 14.87
C ALA B 126 23.25 -1.12 14.95
N ASP B 127 22.79 -2.38 15.03
CA ASP B 127 23.66 -3.57 15.15
C ASP B 127 23.68 -4.25 13.78
N ALA B 128 24.84 -4.29 13.14
CA ALA B 128 24.92 -4.93 11.83
C ALA B 128 25.05 -6.45 12.02
N ASN B 129 23.95 -7.07 12.40
CA ASN B 129 23.94 -8.47 12.86
C ASN B 129 23.57 -9.41 11.71
N TRP B 130 24.57 -9.82 10.95
CA TRP B 130 24.32 -10.70 9.82
C TRP B 130 23.86 -12.09 10.29
N GLY B 131 24.20 -12.45 11.52
CA GLY B 131 23.78 -13.72 12.11
C GLY B 131 22.26 -13.86 12.16
N ARG B 132 21.60 -12.79 12.56
CA ARG B 132 20.14 -12.75 12.59
C ARG B 132 19.55 -12.80 11.19
N ILE B 133 20.20 -12.14 10.23
CA ILE B 133 19.75 -12.16 8.85
C ILE B 133 19.85 -13.59 8.29
N ILE B 134 20.98 -14.26 8.51
CA ILE B 134 21.20 -15.58 7.89
C ILE B 134 20.31 -16.62 8.54
N CYS B 135 19.99 -16.43 9.80
CA CYS B 135 19.07 -17.30 10.48
C CYS B 135 17.70 -17.24 9.79
N ALA B 136 17.23 -16.05 9.46
CA ALA B 136 15.96 -15.85 8.75
C ALA B 136 16.00 -16.44 7.32
N ILE B 137 17.13 -16.28 6.63
CA ILE B 137 17.31 -16.93 5.31
C ILE B 137 17.04 -18.41 5.47
N GLY B 138 17.65 -18.99 6.49
CA GLY B 138 17.59 -20.39 6.73
C GLY B 138 16.25 -21.01 7.06
N TYR B 139 15.37 -20.25 7.70
CA TYR B 139 14.05 -20.78 8.01
C TYR B 139 12.97 -20.28 7.02
N SER B 140 13.39 -19.64 5.95
CA SER B 140 12.45 -19.11 4.94
C SER B 140 11.67 -20.17 4.16
N GLY B 141 12.14 -21.41 4.16
CA GLY B 141 11.48 -22.46 3.40
C GLY B 141 11.93 -22.52 1.94
N CYS B 142 12.92 -21.72 1.57
CA CYS B 142 13.36 -21.63 0.20
C CYS B 142 14.65 -22.41 -0.01
N GLU B 143 15.00 -22.67 -1.27
CA GLU B 143 16.24 -23.33 -1.58
C GLU B 143 17.44 -22.45 -1.15
N VAL B 144 18.25 -22.99 -0.25
CA VAL B 144 19.37 -22.27 0.37
C VAL B 144 20.56 -23.21 0.50
N ASN B 145 21.73 -22.77 0.08
CA ASN B 145 22.98 -23.46 0.42
C ASN B 145 23.64 -22.62 1.51
N GLN B 146 23.70 -23.16 2.72
CA GLN B 146 24.23 -22.38 3.86
C GLN B 146 25.71 -21.95 3.72
N GLU B 147 26.46 -22.59 2.84
CA GLU B 147 27.87 -22.25 2.64
C GLU B 147 28.15 -21.23 1.51
N THR B 148 27.13 -20.76 0.80
CA THR B 148 27.36 -19.85 -0.33
C THR B 148 26.47 -18.60 -0.26
N ILE B 149 26.51 -17.92 0.87
CA ILE B 149 25.68 -16.74 1.10
C ILE B 149 26.51 -15.50 1.29
N ASP B 150 26.16 -14.44 0.55
CA ASP B 150 26.77 -13.11 0.73
C ASP B 150 25.69 -12.21 1.36
N ILE B 151 26.11 -11.42 2.36
CA ILE B 151 25.25 -10.42 3.02
C ILE B 151 25.99 -9.09 3.10
N ALA B 152 25.32 -8.03 2.63
CA ALA B 152 25.78 -6.66 2.77
C ALA B 152 24.75 -5.82 3.50
N ILE B 153 25.26 -4.84 4.24
CA ILE B 153 24.46 -3.85 4.92
C ILE B 153 24.97 -2.51 4.41
N GLY B 154 24.11 -1.80 3.67
CA GLY B 154 24.56 -0.66 2.88
C GLY B 154 25.69 -1.15 1.98
N PRO B 155 26.76 -0.35 1.86
CA PRO B 155 27.87 -0.75 1.00
C PRO B 155 28.85 -1.72 1.67
N ILE B 156 28.57 -2.15 2.90
CA ILE B 156 29.52 -2.96 3.65
C ILE B 156 29.18 -4.44 3.53
N VAL B 157 30.06 -5.19 2.90
CA VAL B 157 29.86 -6.63 2.79
C VAL B 157 30.32 -7.25 4.10
N THR B 158 29.37 -7.85 4.80
CA THR B 158 29.63 -8.42 6.13
C THR B 158 29.92 -9.92 6.09
N LEU B 159 29.37 -10.60 5.08
CA LEU B 159 29.54 -12.03 4.91
C LEU B 159 29.73 -12.30 3.41
N LYS B 160 30.76 -13.06 3.09
CA LYS B 160 31.06 -13.42 1.70
C LYS B 160 31.32 -14.91 1.66
N GLN B 161 30.51 -15.61 0.84
CA GLN B 161 30.50 -17.07 0.76
C GLN B 161 30.46 -17.67 2.14
N SER B 162 29.57 -17.14 2.96
CA SER B 162 29.31 -17.62 4.32
C SER B 162 30.52 -17.53 5.27
N GLU B 163 31.46 -16.62 4.97
CA GLU B 163 32.59 -16.33 5.84
C GLU B 163 32.54 -14.85 6.22
N PRO B 164 32.60 -14.54 7.53
CA PRO B 164 32.65 -13.12 7.93
C PRO B 164 33.89 -12.40 7.39
N THR B 165 33.74 -11.12 7.06
CA THR B 165 34.72 -10.40 6.23
C THR B 165 35.70 -9.57 7.05
N GLY B 166 35.43 -9.42 8.34
CA GLY B 166 36.27 -8.57 9.17
C GLY B 166 36.01 -7.08 8.95
N PHE B 167 34.82 -6.77 8.45
CA PHE B 167 34.37 -5.38 8.25
C PHE B 167 34.40 -4.54 9.55
N SER B 168 34.47 -3.22 9.37
CA SER B 168 34.46 -2.31 10.50
C SER B 168 33.07 -2.25 11.11
N GLU B 169 32.98 -2.62 12.38
CA GLU B 169 31.70 -2.53 13.09
C GLU B 169 31.31 -1.08 13.40
N GLU B 170 32.29 -0.22 13.67
CA GLU B 170 32.03 1.21 13.86
C GLU B 170 31.41 1.82 12.59
N GLU B 171 31.95 1.44 11.44
CA GLU B 171 31.44 1.86 10.14
C GLU B 171 30.03 1.36 9.87
N ALA B 172 29.79 0.08 10.15
CA ALA B 172 28.46 -0.51 9.95
C ALA B 172 27.44 0.17 10.83
N THR B 173 27.80 0.40 12.08
CA THR B 173 26.91 1.06 13.04
C THR B 173 26.60 2.50 12.58
N ALA B 174 27.62 3.22 12.15
CA ALA B 174 27.50 4.57 11.64
C ALA B 174 26.53 4.59 10.46
N TYR B 175 26.68 3.64 9.54
CA TYR B 175 25.73 3.49 8.43
C TYR B 175 24.30 3.28 8.89
N LEU B 176 24.10 2.34 9.79
CA LEU B 176 22.75 2.02 10.28
C LEU B 176 22.09 3.22 10.99
N LYS B 177 22.89 4.05 11.64
CA LYS B 177 22.31 5.21 12.32
C LYS B 177 21.83 6.27 11.33
N GLU B 178 22.54 6.44 10.22
CA GLU B 178 22.24 7.55 9.31
C GLU B 178 21.39 7.17 8.09
N ALA B 179 21.38 5.89 7.73
CA ALA B 179 20.75 5.48 6.48
C ALA B 179 19.22 5.56 6.61
N ASP B 180 18.55 6.04 5.57
CA ASP B 180 17.09 5.81 5.48
C ASP B 180 16.79 5.82 3.99
N PRO B 181 16.46 4.65 3.43
CA PRO B 181 16.28 3.38 4.10
C PRO B 181 17.60 2.71 4.44
N VAL B 182 17.55 1.83 5.43
CA VAL B 182 18.57 0.83 5.65
C VAL B 182 18.38 -0.22 4.55
N LYS B 183 19.44 -0.52 3.82
CA LYS B 183 19.41 -1.51 2.76
C LYS B 183 20.26 -2.73 3.13
N ILE B 184 19.61 -3.90 3.10
CA ILE B 184 20.28 -5.19 3.27
C ILE B 184 20.23 -5.90 1.91
N SER B 185 21.38 -6.41 1.44
CA SER B 185 21.52 -7.15 0.17
C SER B 185 21.98 -8.56 0.48
N VAL B 186 21.34 -9.54 -0.17
CA VAL B 186 21.67 -10.94 0.01
C VAL B 186 21.83 -11.58 -1.39
N ASN B 187 22.88 -12.38 -1.54
CA ASN B 187 23.07 -13.22 -2.72
C ASN B 187 23.20 -14.67 -2.24
N LEU B 188 22.30 -15.52 -2.72
CA LEU B 188 22.24 -16.91 -2.32
C LEU B 188 23.03 -17.84 -3.24
N HIS B 189 23.40 -17.34 -4.43
CA HIS B 189 24.20 -18.08 -5.40
C HIS B 189 23.55 -19.42 -5.80
N ILE B 190 22.22 -19.40 -5.92
CA ILE B 190 21.49 -20.61 -6.31
C ILE B 190 21.03 -20.52 -7.76
N GLY B 191 20.45 -19.40 -8.14
CA GLY B 191 19.94 -19.22 -9.50
C GLY B 191 19.89 -17.74 -9.84
N ASN B 192 18.90 -17.35 -10.64
CA ASN B 192 18.79 -15.98 -11.12
C ASN B 192 17.66 -15.17 -10.48
N GLY B 193 17.07 -15.69 -9.42
CA GLY B 193 15.91 -15.05 -8.80
C GLY B 193 16.25 -13.80 -8.01
N THR B 194 15.44 -12.76 -8.16
CA THR B 194 15.65 -11.47 -7.47
C THR B 194 14.34 -10.95 -6.93
N GLY B 195 14.38 -10.24 -5.82
CA GLY B 195 13.17 -9.65 -5.25
C GLY B 195 13.49 -8.77 -4.08
N LYS B 196 12.61 -7.83 -3.79
CA LYS B 196 12.75 -6.88 -2.69
C LYS B 196 11.58 -7.02 -1.74
N ALA B 197 11.80 -6.66 -0.50
CA ALA B 197 10.74 -6.54 0.50
C ALA B 197 11.06 -5.34 1.38
N TRP B 198 10.03 -4.80 2.03
CA TRP B 198 10.19 -3.62 2.86
C TRP B 198 9.54 -3.82 4.20
N GLY B 199 10.16 -3.26 5.22
CA GLY B 199 9.63 -3.28 6.57
C GLY B 199 10.26 -2.13 7.35
N CYS B 200 10.32 -2.28 8.67
CA CYS B 200 10.77 -1.22 9.56
C CYS B 200 11.40 -1.80 10.78
N ASP B 201 12.09 -0.96 11.57
CA ASP B 201 12.63 -1.42 12.82
C ASP B 201 11.54 -1.62 13.88
N LEU B 202 11.87 -2.40 14.91
CA LEU B 202 10.97 -2.69 16.03
C LEU B 202 11.50 -1.96 17.23
N THR B 203 10.70 -1.05 17.77
CA THR B 203 11.18 -0.11 18.77
C THR B 203 10.30 -0.17 20.00
N TYR B 204 10.72 0.56 21.04
CA TYR B 204 9.94 0.66 22.26
C TYR B 204 8.54 1.18 22.00
N ASP B 205 8.42 2.10 21.05
CA ASP B 205 7.14 2.72 20.77
C ASP B 205 6.14 1.78 20.12
N TYR B 206 6.61 0.76 19.42
CA TYR B 206 5.69 -0.30 18.93
C TYR B 206 4.96 -0.91 20.12
N VAL B 207 5.72 -1.21 21.15
CA VAL B 207 5.16 -1.82 22.36
C VAL B 207 4.23 -0.83 23.08
N ARG B 208 4.66 0.42 23.23
CA ARG B 208 3.87 1.43 23.94
C ARG B 208 2.51 1.63 23.25
N ILE B 209 2.53 1.75 21.93
CA ILE B 209 1.29 1.94 21.17
C ILE B 209 0.36 0.72 21.31
N ASN B 210 0.91 -0.48 21.26
CA ASN B 210 0.10 -1.70 21.20
C ASN B 210 -0.25 -2.36 22.52
N ALA B 211 0.43 -1.95 23.58
CA ALA B 211 0.12 -2.40 24.91
C ALA B 211 -0.67 -1.33 25.69
N GLY B 212 -1.07 -0.24 25.03
CA GLY B 212 -1.86 0.83 25.64
C GLY B 212 -1.10 1.60 26.72
N TYR B 213 0.24 1.76 26.56
CA TYR B 213 1.05 2.54 27.52
C TYR B 213 1.19 4.03 27.12
#